data_9H9O
#
_entry.id   9H9O
#
_cell.length_a   175.750
_cell.length_b   38.890
_cell.length_c   60.070
_cell.angle_alpha   90.00
_cell.angle_beta   92.85
_cell.angle_gamma   90.00
#
_symmetry.space_group_name_H-M   'C 1 2 1'
#
loop_
_entity.id
_entity.type
_entity.pdbx_description
1 polymer 'Isoform 4 of E3 ubiquitin-protein ligase NEDD4'
2 non-polymer 1,2-ETHANEDIOL
3 non-polymer Norclomipramine
4 water water
#
_entity_poly.entity_id   1
_entity_poly.type   'polypeptide(L)'
_entity_poly.pdbx_seq_one_letter_code
;SRDYKRKYEFFRRKLKKQNDIPNKFEMKLRRATVLEDSYRRIMGVKRADFLKARLWIEFDGEKGLDYGGVAREWFFLISK
EMFNPYYGLFEYSATDNYTLQINPNSGLCNEDHLSYFKFIGRVAGMAVYHGKLLDGFFIRPFYKMMLHKPITLHDMESVD
SEYYNSLRWILENDPTELDLRFIIDEELFGQTHQHELKNGGSEIVVTNKNKKEYIYLVIQWRFVNRIQKQMAAFKEGFFE
LIPQDLIKIFDENELELLMCGLGDVDVNDWREHTKYKNGYSANHQVIQWFWKAVLMMDSEKRIRLLQFVTGTSRVPMNGF
AELYGSNGPQSFTVEQWGTPEKLPRAHTCFNRLDLPPYESFEELWDKLQMAIENT
;
_entity_poly.pdbx_strand_id   A
#
# COMPACT_ATOMS: atom_id res chain seq x y z
N SER A 1 -16.22 -21.58 -0.23
CA SER A 1 -16.01 -20.16 -0.47
C SER A 1 -15.09 -19.89 -1.67
N ARG A 2 -14.77 -18.62 -1.86
CA ARG A 2 -13.92 -18.21 -2.97
C ARG A 2 -12.56 -17.71 -2.50
N ASP A 3 -11.51 -18.13 -3.19
CA ASP A 3 -10.19 -17.57 -2.94
C ASP A 3 -10.11 -16.20 -3.59
N TYR A 4 -8.95 -15.56 -3.51
CA TYR A 4 -8.81 -14.19 -3.96
C TYR A 4 -9.10 -14.03 -5.44
N LYS A 5 -8.51 -14.89 -6.27
CA LYS A 5 -8.70 -14.79 -7.72
C LYS A 5 -10.17 -14.96 -8.12
N ARG A 6 -10.86 -15.91 -7.50
CA ARG A 6 -12.27 -16.09 -7.83
C ARG A 6 -13.12 -14.92 -7.32
N LYS A 7 -12.78 -14.39 -6.16
CA LYS A 7 -13.44 -13.17 -5.65
C LYS A 7 -13.27 -11.99 -6.61
N TYR A 8 -12.08 -11.83 -7.15
CA TYR A 8 -11.82 -10.71 -8.04
C TYR A 8 -12.64 -10.83 -9.33
N GLU A 9 -12.76 -12.05 -9.84
CA GLU A 9 -13.54 -12.32 -11.04
C GLU A 9 -15.02 -12.02 -10.80
N PHE A 10 -15.56 -12.61 -9.74
CA PHE A 10 -16.87 -12.27 -9.23
C PHE A 10 -17.09 -10.75 -9.10
N PHE A 11 -16.20 -10.06 -8.40
CA PHE A 11 -16.22 -8.59 -8.26
C PHE A 11 -16.34 -7.83 -9.59
N ARG A 12 -15.48 -8.14 -10.55
CA ARG A 12 -15.54 -7.49 -11.86
C ARG A 12 -16.85 -7.79 -12.60
N ARG A 13 -17.34 -9.01 -12.46
CA ARG A 13 -18.63 -9.37 -13.03
C ARG A 13 -19.75 -8.49 -12.49
N LYS A 14 -19.68 -8.11 -11.22
CA LYS A 14 -20.75 -7.28 -10.66
C LYS A 14 -20.52 -5.82 -10.98
N LEU A 15 -19.27 -5.43 -11.21
CA LEU A 15 -18.96 -4.06 -11.58
C LEU A 15 -19.41 -3.79 -13.02
N LYS A 16 -20.70 -3.51 -13.21
CA LYS A 16 -21.30 -3.31 -14.53
C LYS A 16 -20.79 -2.06 -15.22
N LYS A 17 -20.84 -2.04 -16.55
CA LYS A 17 -20.35 -0.89 -17.31
C LYS A 17 -21.40 0.23 -17.38
N GLN A 18 -20.99 1.51 -17.18
CA GLN A 18 -21.93 2.63 -17.47
C GLN A 18 -22.22 2.88 -18.95
N ASN A 19 -23.49 2.89 -19.31
CA ASN A 19 -23.82 3.27 -20.69
C ASN A 19 -24.25 4.72 -20.86
N ASP A 20 -24.74 5.35 -19.80
CA ASP A 20 -25.27 6.71 -19.87
C ASP A 20 -24.17 7.76 -19.66
N ILE A 21 -22.98 7.47 -20.20
CA ILE A 21 -21.74 8.21 -19.96
C ILE A 21 -21.05 8.49 -21.29
N PRO A 22 -20.30 9.60 -21.41
CA PRO A 22 -19.52 9.73 -22.64
C PRO A 22 -18.52 8.57 -22.79
N ASN A 23 -18.12 8.25 -24.01
CA ASN A 23 -17.35 7.02 -24.26
C ASN A 23 -15.91 7.15 -23.80
N LYS A 24 -15.50 8.37 -23.52
CA LYS A 24 -14.19 8.58 -22.92
C LYS A 24 -14.18 9.71 -21.89
N PHE A 25 -13.25 9.62 -20.96
CA PHE A 25 -13.01 10.71 -20.05
C PHE A 25 -11.72 11.45 -20.45
N GLU A 26 -11.86 12.65 -21.02
CA GLU A 26 -10.69 13.39 -21.47
C GLU A 26 -10.11 14.24 -20.36
N MET A 27 -8.80 14.19 -20.23
CA MET A 27 -8.11 14.93 -19.17
C MET A 27 -6.75 15.39 -19.68
N LYS A 28 -6.62 16.69 -19.91
CA LYS A 28 -5.36 17.25 -20.35
C LYS A 28 -4.62 17.83 -19.15
N LEU A 29 -3.36 17.43 -19.00
CA LEU A 29 -2.59 17.76 -17.81
C LEU A 29 -1.20 18.24 -18.18
N ARG A 30 -0.60 19.04 -17.33
CA ARG A 30 0.82 19.40 -17.43
C ARG A 30 1.58 18.74 -16.29
N ARG A 31 2.71 18.11 -16.59
CA ARG A 31 3.50 17.40 -15.59
C ARG A 31 3.94 18.28 -14.41
N ALA A 32 4.32 19.52 -14.72
CA ALA A 32 4.75 20.44 -13.67
C ALA A 32 3.63 20.72 -12.68
N THR A 33 2.38 20.56 -13.14
CA THR A 33 1.24 20.80 -12.28
C THR A 33 0.21 19.66 -12.33
N VAL A 34 0.70 18.41 -12.27
CA VAL A 34 -0.21 17.25 -12.40
C VAL A 34 -1.26 17.21 -11.31
N LEU A 35 -0.86 17.51 -10.09
CA LEU A 35 -1.78 17.39 -8.95
C LEU A 35 -2.90 18.40 -9.08
N GLU A 36 -2.55 19.66 -9.31
CA GLU A 36 -3.59 20.68 -9.38
C GLU A 36 -4.48 20.46 -10.61
N ASP A 37 -3.88 20.15 -11.76
CA ASP A 37 -4.70 19.92 -12.95
C ASP A 37 -5.63 18.70 -12.80
N SER A 38 -5.13 17.62 -12.18
CA SER A 38 -5.94 16.42 -11.98
C SER A 38 -7.08 16.70 -11.01
N TYR A 39 -6.76 17.40 -9.93
CA TYR A 39 -7.75 17.76 -8.92
C TYR A 39 -8.88 18.58 -9.54
N ARG A 40 -8.52 19.58 -10.33
CA ARG A 40 -9.51 20.46 -10.92
C ARG A 40 -10.40 19.68 -11.89
N ARG A 41 -9.81 18.81 -12.69
CA ARG A 41 -10.62 18.02 -13.62
C ARG A 41 -11.51 17.01 -12.88
N ILE A 42 -10.90 16.22 -12.01
CA ILE A 42 -11.63 15.09 -11.43
C ILE A 42 -12.70 15.55 -10.41
N MET A 43 -12.44 16.65 -9.71
CA MET A 43 -13.45 17.18 -8.80
C MET A 43 -14.47 18.09 -9.50
N GLY A 44 -14.16 18.51 -10.72
CA GLY A 44 -15.05 19.39 -11.44
C GLY A 44 -16.12 18.68 -12.29
N VAL A 45 -16.00 17.37 -12.50
CA VAL A 45 -16.93 16.63 -13.38
C VAL A 45 -18.39 16.77 -12.93
N LYS A 46 -19.31 16.81 -13.90
CA LYS A 46 -20.72 16.98 -13.59
C LYS A 46 -21.20 15.77 -12.78
N ARG A 47 -20.71 14.59 -13.15
CA ARG A 47 -21.09 13.34 -12.50
C ARG A 47 -19.86 12.51 -12.28
N ALA A 48 -19.76 11.89 -11.10
CA ALA A 48 -18.61 11.04 -10.82
C ALA A 48 -18.56 9.86 -11.79
N ASP A 49 -19.72 9.44 -12.27
CA ASP A 49 -19.81 8.35 -13.25
C ASP A 49 -19.01 8.63 -14.52
N PHE A 50 -18.84 9.91 -14.89
CA PHE A 50 -18.00 10.29 -16.03
C PHE A 50 -16.58 9.69 -15.91
N LEU A 51 -16.15 9.47 -14.67
CA LEU A 51 -14.81 8.95 -14.43
C LEU A 51 -14.69 7.45 -14.69
N LYS A 52 -15.77 6.82 -15.11
CA LYS A 52 -15.79 5.39 -15.38
C LYS A 52 -15.55 5.10 -16.86
N ALA A 53 -15.57 6.16 -17.68
CA ALA A 53 -15.29 6.01 -19.10
C ALA A 53 -13.79 5.77 -19.30
N ARG A 54 -13.43 5.31 -20.49
CA ARG A 54 -12.04 5.05 -20.84
C ARG A 54 -11.20 6.30 -20.68
N LEU A 55 -10.15 6.19 -19.87
CA LEU A 55 -9.32 7.35 -19.56
C LEU A 55 -8.56 7.80 -20.80
N TRP A 56 -8.74 9.08 -21.11
CA TRP A 56 -8.18 9.70 -22.29
C TRP A 56 -7.25 10.83 -21.85
N ILE A 57 -6.06 10.48 -21.37
CA ILE A 57 -5.17 11.44 -20.71
C ILE A 57 -4.05 11.91 -21.63
N GLU A 58 -3.73 13.18 -21.57
CA GLU A 58 -2.72 13.78 -22.42
C GLU A 58 -1.79 14.66 -21.58
N PHE A 59 -0.49 14.43 -21.68
CA PHE A 59 0.48 15.24 -20.93
C PHE A 59 1.15 16.27 -21.82
N ASP A 60 1.10 17.53 -21.37
CA ASP A 60 1.85 18.63 -21.99
C ASP A 60 1.70 18.71 -23.49
N GLY A 61 0.51 18.36 -23.97
CA GLY A 61 0.19 18.49 -25.38
C GLY A 61 0.85 17.43 -26.25
N GLU A 62 1.30 16.36 -25.62
CA GLU A 62 1.96 15.28 -26.34
C GLU A 62 0.92 14.39 -26.99
N LYS A 63 0.73 14.58 -28.28
CA LYS A 63 -0.18 13.76 -29.06
C LYS A 63 0.49 12.49 -29.57
N GLY A 64 -0.32 11.47 -29.86
CA GLY A 64 0.18 10.29 -30.55
C GLY A 64 0.73 9.22 -29.63
N LEU A 65 0.27 9.20 -28.39
CA LEU A 65 0.71 8.20 -27.44
C LEU A 65 -0.44 7.28 -27.07
N ASP A 66 -0.10 6.02 -26.78
CA ASP A 66 -1.05 5.00 -26.34
C ASP A 66 -1.74 5.44 -25.04
N TYR A 67 -3.04 5.71 -25.13
CA TYR A 67 -3.78 6.20 -23.97
C TYR A 67 -3.76 5.23 -22.79
N GLY A 68 -3.55 3.95 -23.07
CA GLY A 68 -3.45 2.96 -22.01
C GLY A 68 -2.19 3.13 -21.18
N GLY A 69 -1.08 3.41 -21.87
CA GLY A 69 0.18 3.61 -21.18
C GLY A 69 0.22 4.92 -20.41
N VAL A 70 -0.32 5.98 -21.00
CA VAL A 70 -0.34 7.28 -20.36
C VAL A 70 -1.12 7.22 -19.05
N ALA A 71 -2.24 6.51 -19.06
CA ALA A 71 -3.06 6.41 -17.85
C ALA A 71 -2.28 5.79 -16.72
N ARG A 72 -1.53 4.73 -17.05
CA ARG A 72 -0.76 4.01 -16.05
C ARG A 72 0.31 4.93 -15.46
N GLU A 73 0.90 5.75 -16.32
CA GLU A 73 1.91 6.71 -15.88
C GLU A 73 1.26 7.74 -14.96
N TRP A 74 0.02 8.12 -15.29
CA TRP A 74 -0.69 9.11 -14.50
C TRP A 74 -0.96 8.60 -13.09
N PHE A 75 -1.41 7.36 -12.98
CA PHE A 75 -1.70 6.79 -11.68
C PHE A 75 -0.47 6.76 -10.81
N PHE A 76 0.67 6.53 -11.45
CA PHE A 76 1.94 6.56 -10.77
C PHE A 76 2.28 7.98 -10.31
N LEU A 77 2.20 8.94 -11.23
CA LEU A 77 2.56 10.32 -10.90
C LEU A 77 1.60 10.93 -9.88
N ILE A 78 0.31 10.64 -10.01
CA ILE A 78 -0.65 11.27 -9.12
C ILE A 78 -0.52 10.65 -7.71
N SER A 79 -0.15 9.36 -7.64
CA SER A 79 0.10 8.69 -6.36
C SER A 79 1.26 9.35 -5.60
N LYS A 80 2.34 9.62 -6.32
CA LYS A 80 3.54 10.22 -5.74
C LYS A 80 3.23 11.56 -5.10
N GLU A 81 2.43 12.35 -5.80
CA GLU A 81 1.99 13.66 -5.33
C GLU A 81 0.99 13.55 -4.15
N MET A 82 -0.13 12.84 -4.36
CA MET A 82 -1.19 12.69 -3.36
C MET A 82 -0.71 12.19 -2.00
N PHE A 83 0.21 11.23 -2.06
CA PHE A 83 0.65 10.56 -0.85
C PHE A 83 1.93 11.16 -0.29
N ASN A 84 2.39 12.26 -0.88
CA ASN A 84 3.61 12.92 -0.42
C ASN A 84 3.34 13.60 0.91
N PRO A 85 4.01 13.15 1.99
CA PRO A 85 3.75 13.73 3.32
C PRO A 85 4.01 15.24 3.37
N TYR A 86 4.75 15.77 2.39
CA TYR A 86 5.00 17.21 2.32
C TYR A 86 3.70 18.02 2.26
N TYR A 87 2.66 17.45 1.66
CA TYR A 87 1.41 18.19 1.53
C TYR A 87 0.59 18.12 2.82
N GLY A 88 0.90 17.16 3.68
CA GLY A 88 0.31 17.12 5.00
C GLY A 88 -1.01 16.37 5.12
N LEU A 89 -1.47 15.71 4.03
CA LEU A 89 -2.67 14.86 4.08
C LEU A 89 -2.40 13.48 4.67
N PHE A 90 -1.39 12.80 4.15
CA PHE A 90 -0.90 11.53 4.70
C PHE A 90 0.47 11.75 5.34
N GLU A 91 0.84 10.82 6.21
CA GLU A 91 2.15 10.83 6.85
C GLU A 91 2.54 9.39 7.11
N TYR A 92 3.84 9.15 7.24
CA TYR A 92 4.33 7.84 7.63
C TYR A 92 3.84 7.47 9.02
N SER A 93 3.50 6.21 9.21
CA SER A 93 2.88 5.76 10.45
C SER A 93 3.87 5.74 11.63
N ALA A 94 5.16 5.72 11.33
CA ALA A 94 6.19 5.79 12.33
C ALA A 94 7.48 6.11 11.64
N THR A 95 8.44 6.61 12.43
CA THR A 95 9.73 7.01 11.89
C THR A 95 10.39 5.82 11.17
N ASP A 96 10.17 4.61 11.68
CA ASP A 96 10.81 3.41 11.13
C ASP A 96 9.95 2.64 10.16
N ASN A 97 8.78 3.17 9.81
CA ASN A 97 7.87 2.51 8.85
C ASN A 97 7.80 3.25 7.53
N TYR A 98 7.38 2.55 6.49
CA TYR A 98 7.15 3.15 5.18
C TYR A 98 5.65 3.22 4.89
N THR A 99 4.84 2.58 5.73
CA THR A 99 3.39 2.63 5.58
C THR A 99 2.86 4.02 5.92
N LEU A 100 1.79 4.41 5.23
CA LEU A 100 1.17 5.72 5.37
C LEU A 100 -0.11 5.65 6.21
N GLN A 101 -0.42 6.74 6.88
CA GLN A 101 -1.69 6.89 7.59
C GLN A 101 -2.18 8.30 7.35
N ILE A 102 -3.47 8.55 7.57
CA ILE A 102 -3.99 9.90 7.48
C ILE A 102 -3.41 10.79 8.59
N ASN A 103 -2.93 11.98 8.22
CA ASN A 103 -2.39 12.90 9.22
C ASN A 103 -3.53 13.55 10.00
N PRO A 104 -3.55 13.37 11.33
CA PRO A 104 -4.60 13.98 12.16
C PRO A 104 -4.64 15.50 12.01
N ASN A 105 -3.48 16.12 11.79
CA ASN A 105 -3.40 17.57 11.59
C ASN A 105 -3.51 18.00 10.14
N SER A 106 -4.03 17.14 9.27
CA SER A 106 -4.17 17.47 7.84
C SER A 106 -4.91 18.79 7.62
N GLY A 107 -5.84 19.10 8.51
CA GLY A 107 -6.65 20.29 8.40
C GLY A 107 -5.96 21.58 8.73
N LEU A 108 -4.99 21.53 9.64
CA LEU A 108 -4.18 22.69 9.98
C LEU A 108 -3.47 23.20 8.75
N CYS A 109 -2.83 22.27 8.06
CA CYS A 109 -2.08 22.54 6.83
C CYS A 109 -3.00 23.02 5.69
N ASN A 110 -4.18 22.39 5.58
CA ASN A 110 -5.09 22.58 4.44
C ASN A 110 -6.53 22.73 4.89
N GLU A 111 -7.04 23.96 4.89
CA GLU A 111 -8.42 24.20 5.28
C GLU A 111 -9.38 23.38 4.42
N ASP A 112 -9.04 23.22 3.15
CA ASP A 112 -9.91 22.51 2.22
C ASP A 112 -9.60 21.00 2.13
N HIS A 113 -9.08 20.42 3.22
CA HIS A 113 -8.57 19.06 3.17
C HIS A 113 -9.64 17.98 2.87
N LEU A 114 -10.89 18.22 3.26
CA LEU A 114 -11.93 17.21 2.99
C LEU A 114 -12.16 17.01 1.49
N SER A 115 -12.18 18.09 0.72
CA SER A 115 -12.30 17.92 -0.71
C SER A 115 -11.02 17.25 -1.27
N TYR A 116 -9.85 17.54 -0.71
CA TYR A 116 -8.66 16.85 -1.20
C TYR A 116 -8.75 15.33 -0.93
N PHE A 117 -9.26 14.97 0.24
CA PHE A 117 -9.37 13.54 0.56
C PHE A 117 -10.43 12.88 -0.35
N LYS A 118 -11.53 13.58 -0.61
CA LYS A 118 -12.56 13.04 -1.51
C LYS A 118 -11.95 12.80 -2.88
N PHE A 119 -11.12 13.73 -3.33
CA PHE A 119 -10.39 13.59 -4.58
C PHE A 119 -9.50 12.37 -4.56
N ILE A 120 -8.75 12.20 -3.47
CA ILE A 120 -7.89 11.04 -3.34
C ILE A 120 -8.73 9.77 -3.41
N GLY A 121 -9.90 9.80 -2.77
CA GLY A 121 -10.83 8.67 -2.82
C GLY A 121 -11.32 8.37 -4.24
N ARG A 122 -11.73 9.40 -4.98
CA ARG A 122 -12.10 9.26 -6.38
C ARG A 122 -10.98 8.62 -7.20
N VAL A 123 -9.73 9.04 -7.00
CA VAL A 123 -8.64 8.51 -7.79
C VAL A 123 -8.35 7.05 -7.42
N ALA A 124 -8.33 6.75 -6.13
CA ALA A 124 -8.24 5.36 -5.67
C ALA A 124 -9.35 4.53 -6.30
N GLY A 125 -10.58 5.03 -6.21
CA GLY A 125 -11.73 4.43 -6.90
C GLY A 125 -11.49 4.21 -8.38
N MET A 126 -10.98 5.23 -9.06
CA MET A 126 -10.69 5.10 -10.48
C MET A 126 -9.66 4.02 -10.78
N ALA A 127 -8.67 3.86 -9.90
CA ALA A 127 -7.65 2.83 -10.09
C ALA A 127 -8.28 1.45 -10.06
N VAL A 128 -9.03 1.16 -9.00
CA VAL A 128 -9.72 -0.13 -8.87
C VAL A 128 -10.66 -0.37 -10.04
N TYR A 129 -11.44 0.63 -10.41
CA TYR A 129 -12.41 0.52 -11.50
C TYR A 129 -11.76 0.16 -12.83
N HIS A 130 -10.63 0.78 -13.13
CA HIS A 130 -9.97 0.59 -14.44
C HIS A 130 -8.85 -0.45 -14.39
N GLY A 131 -8.71 -1.14 -13.27
CA GLY A 131 -7.72 -2.20 -13.18
C GLY A 131 -6.28 -1.71 -13.09
N LYS A 132 -6.09 -0.54 -12.48
CA LYS A 132 -4.74 0.00 -12.33
C LYS A 132 -4.38 0.06 -10.85
N LEU A 133 -3.11 0.26 -10.55
CA LEU A 133 -2.67 0.29 -9.17
C LEU A 133 -2.29 1.66 -8.70
N LEU A 134 -2.62 1.96 -7.45
CA LEU A 134 -2.04 3.11 -6.76
C LEU A 134 -0.67 2.73 -6.27
N ASP A 135 0.24 3.70 -6.24
CA ASP A 135 1.54 3.45 -5.67
C ASP A 135 1.57 4.06 -4.28
N GLY A 136 1.33 3.24 -3.28
CA GLY A 136 1.32 3.69 -1.90
C GLY A 136 0.79 2.59 -1.00
N PHE A 137 1.44 2.39 0.13
CA PHE A 137 1.04 1.36 1.08
C PHE A 137 0.55 2.00 2.36
N PHE A 138 -0.70 1.71 2.70
CA PHE A 138 -1.31 2.29 3.88
C PHE A 138 -1.25 1.33 5.06
N ILE A 139 -1.46 1.85 6.26
CA ILE A 139 -1.50 0.99 7.43
C ILE A 139 -2.76 0.14 7.35
N ARG A 140 -2.72 -1.02 8.00
CA ARG A 140 -3.82 -1.98 7.93
C ARG A 140 -5.17 -1.39 8.41
N PRO A 141 -5.19 -0.60 9.50
CA PRO A 141 -6.48 0.05 9.83
C PRO A 141 -7.10 0.91 8.71
N PHE A 142 -6.31 1.39 7.75
CA PHE A 142 -6.87 2.18 6.68
C PHE A 142 -7.81 1.28 5.88
N TYR A 143 -7.31 0.09 5.52
CA TYR A 143 -8.07 -0.83 4.71
C TYR A 143 -9.31 -1.31 5.43
N LYS A 144 -9.16 -1.63 6.71
CA LYS A 144 -10.30 -2.04 7.51
C LYS A 144 -11.41 -0.97 7.60
N MET A 145 -11.03 0.31 7.73
CA MET A 145 -12.04 1.37 7.81
C MET A 145 -12.84 1.42 6.51
N MET A 146 -12.13 1.28 5.39
CA MET A 146 -12.76 1.20 4.07
C MET A 146 -13.83 0.11 4.03
N LEU A 147 -13.55 -1.00 4.70
CA LEU A 147 -14.42 -2.17 4.68
C LEU A 147 -15.34 -2.18 5.87
N HIS A 148 -15.30 -1.11 6.66
CA HIS A 148 -16.11 -1.05 7.87
C HIS A 148 -15.83 -2.27 8.75
N LYS A 149 -14.55 -2.62 8.87
CA LYS A 149 -14.13 -3.65 9.82
C LYS A 149 -13.59 -2.98 11.09
N PRO A 150 -13.80 -3.63 12.23
CA PRO A 150 -13.34 -3.13 13.52
C PRO A 150 -11.82 -3.09 13.57
N ILE A 151 -11.25 -2.01 14.08
CA ILE A 151 -9.82 -1.96 14.36
C ILE A 151 -9.51 -2.65 15.69
N THR A 152 -8.55 -3.55 15.69
CA THR A 152 -8.27 -4.32 16.90
C THR A 152 -6.86 -4.07 17.44
N LEU A 153 -6.63 -4.57 18.65
CA LEU A 153 -5.34 -4.50 19.30
C LEU A 153 -4.25 -5.10 18.41
N HIS A 154 -4.61 -6.18 17.71
CA HIS A 154 -3.67 -6.84 16.81
C HIS A 154 -3.18 -5.91 15.70
N ASP A 155 -4.06 -5.01 15.25
CA ASP A 155 -3.69 -4.06 14.20
C ASP A 155 -2.57 -3.15 14.67
N MET A 156 -2.53 -2.92 15.97
CA MET A 156 -1.49 -2.09 16.56
C MET A 156 -0.10 -2.75 16.44
N GLU A 157 -0.05 -4.08 16.31
CA GLU A 157 1.25 -4.76 16.28
C GLU A 157 2.04 -4.36 15.05
N SER A 158 1.40 -4.45 13.90
CA SER A 158 2.06 -4.14 12.64
C SER A 158 2.55 -2.68 12.56
N VAL A 159 2.00 -1.82 13.41
CA VAL A 159 2.32 -0.39 13.32
C VAL A 159 3.23 0.13 14.43
N ASP A 160 2.94 -0.26 15.68
CA ASP A 160 3.75 0.14 16.82
C ASP A 160 3.83 -1.04 17.78
N SER A 161 4.98 -1.71 17.79
CA SER A 161 5.21 -2.92 18.57
C SER A 161 5.35 -2.67 20.06
N GLU A 162 5.98 -1.55 20.43
CA GLU A 162 6.12 -1.18 21.83
C GLU A 162 4.76 -0.95 22.48
N TYR A 163 3.94 -0.16 21.80
CA TYR A 163 2.59 0.12 22.25
C TYR A 163 1.76 -1.15 22.32
N TYR A 164 1.82 -1.94 21.24
CA TYR A 164 1.09 -3.20 21.19
C TYR A 164 1.40 -4.06 22.40
N ASN A 165 2.69 -4.15 22.73
CA ASN A 165 3.13 -5.04 23.82
C ASN A 165 2.64 -4.56 25.18
N SER A 166 2.51 -3.25 25.31
CA SER A 166 2.02 -2.65 26.56
C SER A 166 0.53 -2.90 26.77
N LEU A 167 -0.27 -2.65 25.74
CA LEU A 167 -1.70 -2.93 25.80
C LEU A 167 -1.97 -4.41 25.96
N ARG A 168 -1.13 -5.23 25.37
CA ARG A 168 -1.30 -6.67 25.51
C ARG A 168 -1.01 -7.10 26.94
N TRP A 169 0.04 -6.55 27.54
CA TRP A 169 0.31 -6.82 28.96
C TRP A 169 -0.91 -6.45 29.79
N ILE A 170 -1.48 -5.28 29.50
CA ILE A 170 -2.67 -4.82 30.21
C ILE A 170 -3.82 -5.82 30.07
N LEU A 171 -3.98 -6.37 28.86
CA LEU A 171 -5.07 -7.30 28.60
C LEU A 171 -4.90 -8.59 29.39
N GLU A 172 -3.66 -9.03 29.59
CA GLU A 172 -3.41 -10.35 30.11
C GLU A 172 -3.17 -10.38 31.60
N ASN A 173 -2.89 -9.21 32.19
CA ASN A 173 -2.59 -9.13 33.63
C ASN A 173 -3.54 -8.14 34.28
N ASP A 174 -3.73 -8.20 35.59
CA ASP A 174 -4.54 -7.21 36.29
C ASP A 174 -3.73 -5.92 36.38
N PRO A 175 -4.20 -4.87 35.72
CA PRO A 175 -3.41 -3.64 35.67
C PRO A 175 -3.66 -2.67 36.81
N THR A 176 -4.56 -3.05 37.71
CA THR A 176 -5.08 -2.14 38.73
C THR A 176 -4.01 -1.38 39.54
N GLU A 177 -2.96 -2.09 39.97
CA GLU A 177 -1.96 -1.51 40.84
C GLU A 177 -1.02 -0.53 40.14
N LEU A 178 -1.00 -0.56 38.82
CA LEU A 178 -0.19 0.39 38.06
C LEU A 178 -0.83 1.75 38.14
N ASP A 179 -2.12 1.77 38.51
CA ASP A 179 -2.82 3.02 38.71
C ASP A 179 -2.84 3.84 37.40
N LEU A 180 -3.04 3.15 36.29
CA LEU A 180 -3.26 3.82 35.01
C LEU A 180 -4.60 4.52 35.02
N ARG A 181 -4.71 5.62 34.28
CA ARG A 181 -5.95 6.38 34.17
C ARG A 181 -6.46 6.36 32.74
N PHE A 182 -7.71 6.75 32.52
CA PHE A 182 -8.25 6.79 31.16
C PHE A 182 -7.75 8.06 30.45
N ILE A 183 -6.45 8.09 30.22
CA ILE A 183 -5.81 9.20 29.52
C ILE A 183 -4.82 8.62 28.55
N ILE A 184 -4.38 9.42 27.59
CA ILE A 184 -3.27 9.00 26.72
C ILE A 184 -2.22 10.11 26.72
N ASP A 185 -0.97 9.73 26.93
CA ASP A 185 0.14 10.68 26.87
C ASP A 185 0.88 10.50 25.56
N GLU A 186 0.92 11.56 24.75
CA GLU A 186 1.66 11.56 23.50
C GLU A 186 2.86 12.52 23.56
N GLU A 187 4.02 12.05 23.14
CA GLU A 187 5.22 12.89 23.10
C GLU A 187 5.26 13.67 21.79
N LEU A 188 5.29 14.99 21.88
CA LEU A 188 5.35 15.83 20.67
C LEU A 188 6.08 17.13 20.92
N PHE A 189 6.95 17.48 19.99
CA PHE A 189 7.71 18.73 20.02
C PHE A 189 8.42 18.96 21.34
N GLY A 190 8.88 17.88 21.96
CA GLY A 190 9.65 18.00 23.19
C GLY A 190 8.75 18.23 24.37
N GLN A 191 7.47 17.91 24.21
CA GLN A 191 6.51 18.03 25.31
C GLN A 191 5.60 16.81 25.35
N THR A 192 4.90 16.67 26.47
CA THR A 192 3.97 15.57 26.67
C THR A 192 2.54 16.08 26.55
N HIS A 193 1.78 15.54 25.61
CA HIS A 193 0.39 15.95 25.45
C HIS A 193 -0.51 14.92 26.08
N GLN A 194 -1.29 15.33 27.06
CA GLN A 194 -2.22 14.40 27.70
C GLN A 194 -3.64 14.62 27.16
N HIS A 195 -4.31 13.54 26.79
N HIS A 195 -4.31 13.52 26.83
CA HIS A 195 -5.69 13.61 26.34
CA HIS A 195 -5.68 13.58 26.35
C HIS A 195 -6.55 12.62 27.13
C HIS A 195 -6.55 12.61 27.15
N GLU A 196 -7.66 13.09 27.69
CA GLU A 196 -8.59 12.22 28.43
C GLU A 196 -9.34 11.34 27.43
N LEU A 197 -9.45 10.04 27.72
CA LEU A 197 -10.09 9.10 26.79
C LEU A 197 -11.60 9.14 26.92
N LYS A 198 -12.07 9.65 28.04
CA LYS A 198 -13.49 9.90 28.23
C LYS A 198 -13.61 10.95 29.31
N ASN A 199 -14.79 11.55 29.43
CA ASN A 199 -15.03 12.62 30.38
C ASN A 199 -14.59 12.23 31.79
N GLY A 200 -13.81 13.11 32.42
CA GLY A 200 -13.21 12.80 33.72
C GLY A 200 -12.19 11.66 33.65
N GLY A 201 -11.64 11.42 32.47
CA GLY A 201 -10.73 10.32 32.25
C GLY A 201 -9.56 10.28 33.22
N SER A 202 -9.08 11.44 33.64
CA SER A 202 -7.90 11.52 34.52
C SER A 202 -8.13 10.85 35.87
N GLU A 203 -9.37 10.77 36.31
CA GLU A 203 -9.65 10.28 37.66
C GLU A 203 -10.21 8.87 37.68
N ILE A 204 -10.13 8.18 36.56
CA ILE A 204 -10.73 6.87 36.41
C ILE A 204 -9.64 5.83 36.26
N VAL A 205 -9.59 4.89 37.20
CA VAL A 205 -8.51 3.93 37.26
C VAL A 205 -8.81 2.75 36.33
N VAL A 206 -7.80 2.34 35.55
CA VAL A 206 -7.94 1.17 34.70
C VAL A 206 -7.86 -0.12 35.55
N THR A 207 -8.86 -0.98 35.41
CA THR A 207 -8.95 -2.24 36.16
C THR A 207 -9.43 -3.35 35.23
N ASN A 208 -9.63 -4.56 35.77
CA ASN A 208 -10.12 -5.66 34.95
C ASN A 208 -11.57 -5.46 34.50
N LYS A 209 -12.33 -4.68 35.27
CA LYS A 209 -13.73 -4.42 34.92
C LYS A 209 -13.90 -3.46 33.74
N ASN A 210 -12.95 -2.56 33.54
CA ASN A 210 -13.07 -1.61 32.43
C ASN A 210 -11.93 -1.61 31.40
N LYS A 211 -10.99 -2.56 31.49
CA LYS A 211 -9.81 -2.47 30.63
C LYS A 211 -10.14 -2.77 29.16
N LYS A 212 -11.14 -3.59 28.88
CA LYS A 212 -11.55 -3.79 27.48
C LYS A 212 -11.99 -2.47 26.85
N GLU A 213 -12.73 -1.67 27.61
CA GLU A 213 -13.10 -0.33 27.18
C GLU A 213 -11.85 0.57 27.02
N TYR A 214 -10.93 0.51 28.00
CA TYR A 214 -9.68 1.27 27.93
C TYR A 214 -8.97 1.02 26.63
N ILE A 215 -8.78 -0.27 26.32
CA ILE A 215 -8.03 -0.68 25.13
C ILE A 215 -8.75 -0.22 23.87
N TYR A 216 -10.07 -0.36 23.86
CA TYR A 216 -10.86 0.12 22.73
C TYR A 216 -10.63 1.63 22.50
N LEU A 217 -10.72 2.41 23.58
CA LEU A 217 -10.54 3.87 23.49
C LEU A 217 -9.13 4.27 23.04
N VAL A 218 -8.12 3.53 23.49
CA VAL A 218 -6.74 3.81 23.09
C VAL A 218 -6.58 3.55 21.59
N ILE A 219 -7.13 2.42 21.15
CA ILE A 219 -7.08 2.05 19.74
C ILE A 219 -7.82 3.08 18.86
N GLN A 220 -9.01 3.50 19.29
CA GLN A 220 -9.77 4.48 18.55
C GLN A 220 -9.01 5.80 18.51
N TRP A 221 -8.33 6.14 19.61
CA TRP A 221 -7.52 7.38 19.62
C TRP A 221 -6.36 7.27 18.63
N ARG A 222 -5.73 6.11 18.55
CA ARG A 222 -4.52 6.01 17.74
C ARG A 222 -4.87 6.02 16.25
N PHE A 223 -6.01 5.45 15.89
CA PHE A 223 -6.30 5.15 14.48
C PHE A 223 -7.56 5.78 13.90
N VAL A 224 -8.49 6.22 14.74
CA VAL A 224 -9.81 6.59 14.24
C VAL A 224 -10.28 7.99 14.59
N ASN A 225 -10.28 8.30 15.89
CA ASN A 225 -10.95 9.46 16.44
C ASN A 225 -10.63 10.75 15.71
N ARG A 226 -9.36 10.97 15.44
CA ARG A 226 -8.94 12.26 14.95
C ARG A 226 -9.01 12.38 13.42
N ILE A 227 -9.35 11.30 12.73
CA ILE A 227 -9.30 11.29 11.25
C ILE A 227 -10.65 10.83 10.62
N GLN A 228 -11.70 10.86 11.41
CA GLN A 228 -13.03 10.43 10.98
C GLN A 228 -13.57 11.19 9.76
N LYS A 229 -13.47 12.51 9.78
CA LYS A 229 -13.98 13.32 8.67
C LYS A 229 -13.15 13.09 7.40
N GLN A 230 -11.83 13.13 7.55
CA GLN A 230 -10.92 12.78 6.45
C GLN A 230 -11.24 11.45 5.78
N MET A 231 -11.37 10.41 6.59
CA MET A 231 -11.63 9.08 6.06
C MET A 231 -13.02 9.01 5.46
N ALA A 232 -13.96 9.71 6.09
CA ALA A 232 -15.31 9.78 5.58
C ALA A 232 -15.30 10.38 4.19
N ALA A 233 -14.47 11.41 4.00
CA ALA A 233 -14.40 12.10 2.70
C ALA A 233 -13.75 11.20 1.64
N PHE A 234 -12.72 10.46 2.04
CA PHE A 234 -12.04 9.52 1.15
C PHE A 234 -13.01 8.43 0.73
N LYS A 235 -13.72 7.86 1.69
CA LYS A 235 -14.68 6.80 1.38
C LYS A 235 -15.78 7.31 0.45
N GLU A 236 -16.24 8.54 0.67
CA GLU A 236 -17.25 9.11 -0.20
C GLU A 236 -16.79 9.09 -1.65
N GLY A 237 -15.56 9.57 -1.89
CA GLY A 237 -15.03 9.61 -3.24
C GLY A 237 -14.87 8.21 -3.80
N PHE A 238 -14.35 7.32 -2.96
CA PHE A 238 -14.05 5.95 -3.39
C PHE A 238 -15.34 5.25 -3.81
N PHE A 239 -16.38 5.42 -3.00
CA PHE A 239 -17.64 4.70 -3.23
C PHE A 239 -18.44 5.28 -4.40
N GLU A 240 -18.04 6.45 -4.88
CA GLU A 240 -18.64 7.01 -6.08
C GLU A 240 -18.20 6.20 -7.30
N LEU A 241 -17.07 5.52 -7.18
CA LEU A 241 -16.62 4.64 -8.25
C LEU A 241 -16.88 3.17 -7.99
N ILE A 242 -16.69 2.76 -6.76
CA ILE A 242 -16.83 1.34 -6.43
C ILE A 242 -17.90 1.24 -5.34
N PRO A 243 -19.05 0.66 -5.68
CA PRO A 243 -20.10 0.43 -4.68
C PRO A 243 -19.54 -0.21 -3.42
N GLN A 244 -19.90 0.34 -2.27
CA GLN A 244 -19.31 -0.08 -1.02
C GLN A 244 -19.63 -1.55 -0.74
N ASP A 245 -20.79 -1.98 -1.18
CA ASP A 245 -21.23 -3.36 -0.99
C ASP A 245 -20.39 -4.35 -1.80
N LEU A 246 -19.95 -3.92 -2.99
CA LEU A 246 -19.07 -4.73 -3.82
C LEU A 246 -17.69 -4.88 -3.22
N ILE A 247 -17.16 -3.81 -2.64
CA ILE A 247 -15.80 -3.88 -2.13
C ILE A 247 -15.76 -4.81 -0.89
N LYS A 248 -16.91 -4.99 -0.25
CA LYS A 248 -17.04 -5.84 0.93
C LYS A 248 -16.78 -7.34 0.67
N ILE A 249 -16.65 -7.77 -0.58
CA ILE A 249 -16.38 -9.19 -0.75
C ILE A 249 -14.92 -9.51 -0.38
N PHE A 250 -14.08 -8.47 -0.30
CA PHE A 250 -12.66 -8.61 0.01
C PHE A 250 -12.38 -8.39 1.50
N ASP A 251 -11.40 -9.12 2.05
CA ASP A 251 -10.90 -8.76 3.38
C ASP A 251 -9.79 -7.71 3.19
N GLU A 252 -9.14 -7.34 4.28
CA GLU A 252 -8.26 -6.18 4.24
C GLU A 252 -6.95 -6.48 3.53
N ASN A 253 -6.53 -7.75 3.54
CA ASN A 253 -5.33 -8.14 2.79
C ASN A 253 -5.57 -8.17 1.29
N GLU A 254 -6.74 -8.66 0.91
CA GLU A 254 -7.15 -8.75 -0.48
C GLU A 254 -7.36 -7.35 -1.05
N LEU A 255 -7.99 -6.48 -0.29
CA LEU A 255 -8.23 -5.10 -0.71
C LEU A 255 -6.93 -4.35 -0.98
N GLU A 256 -5.95 -4.54 -0.10
CA GLU A 256 -4.66 -3.87 -0.27
C GLU A 256 -3.95 -4.34 -1.53
N LEU A 257 -4.02 -5.66 -1.77
CA LEU A 257 -3.43 -6.23 -2.95
C LEU A 257 -4.17 -5.70 -4.19
N LEU A 258 -5.48 -5.64 -4.09
CA LEU A 258 -6.31 -5.13 -5.19
C LEU A 258 -5.93 -3.69 -5.54
N MET A 259 -5.86 -2.82 -4.55
CA MET A 259 -5.67 -1.40 -4.80
C MET A 259 -4.22 -0.98 -5.07
N CYS A 260 -3.29 -1.64 -4.41
CA CYS A 260 -1.93 -1.12 -4.38
C CYS A 260 -0.92 -2.18 -4.79
N GLY A 261 -1.38 -3.41 -4.96
CA GLY A 261 -0.51 -4.50 -5.38
C GLY A 261 0.53 -4.92 -4.35
N LEU A 262 0.37 -4.50 -3.10
CA LEU A 262 1.37 -4.80 -2.08
C LEU A 262 0.89 -5.87 -1.11
N GLY A 263 1.82 -6.65 -0.58
CA GLY A 263 1.51 -7.69 0.37
C GLY A 263 2.79 -8.34 0.82
N ASP A 264 2.68 -9.26 1.78
CA ASP A 264 3.87 -9.89 2.33
C ASP A 264 4.32 -11.02 1.41
N VAL A 265 5.55 -10.92 0.92
CA VAL A 265 6.12 -11.92 0.03
C VAL A 265 6.79 -13.03 0.83
N ASP A 266 6.30 -14.26 0.65
CA ASP A 266 6.88 -15.39 1.35
C ASP A 266 8.20 -15.77 0.69
N VAL A 267 9.29 -15.20 1.19
CA VAL A 267 10.61 -15.39 0.61
C VAL A 267 11.05 -16.85 0.66
N ASN A 268 10.52 -17.60 1.63
CA ASN A 268 10.77 -19.02 1.72
C ASN A 268 10.25 -19.77 0.51
N ASP A 269 8.99 -19.51 0.17
CA ASP A 269 8.36 -20.16 -0.97
C ASP A 269 9.02 -19.71 -2.26
N TRP A 270 9.37 -18.44 -2.33
CA TRP A 270 10.09 -17.88 -3.47
C TRP A 270 11.42 -18.62 -3.66
N ARG A 271 12.13 -18.81 -2.56
CA ARG A 271 13.46 -19.42 -2.51
C ARG A 271 13.45 -20.90 -2.92
N GLU A 272 12.46 -21.64 -2.44
CA GLU A 272 12.43 -23.08 -2.70
C GLU A 272 12.03 -23.40 -4.13
N HIS A 273 11.36 -22.47 -4.80
CA HIS A 273 10.94 -22.68 -6.18
C HIS A 273 11.74 -21.81 -7.16
N THR A 274 13.00 -21.58 -6.84
CA THR A 274 13.91 -20.90 -7.76
C THR A 274 14.79 -21.94 -8.45
N LYS A 275 15.01 -21.76 -9.75
CA LYS A 275 15.97 -22.56 -10.50
C LYS A 275 17.29 -21.78 -10.70
N TYR A 276 18.37 -22.50 -11.02
CA TYR A 276 19.69 -21.88 -11.14
C TYR A 276 20.41 -22.32 -12.40
N LYS A 277 21.17 -21.40 -13.00
CA LYS A 277 21.78 -21.66 -14.30
C LYS A 277 23.26 -21.29 -14.35
N ASN A 278 23.98 -22.03 -15.17
CA ASN A 278 25.38 -21.74 -15.52
C ASN A 278 26.29 -21.59 -14.30
N GLY A 279 26.35 -22.64 -13.48
CA GLY A 279 27.25 -22.65 -12.35
C GLY A 279 26.59 -22.38 -11.00
N TYR A 280 25.53 -21.58 -11.00
CA TYR A 280 24.86 -21.25 -9.75
C TYR A 280 24.05 -22.43 -9.21
N SER A 281 23.85 -22.40 -7.91
CA SER A 281 23.10 -23.41 -7.19
C SER A 281 22.63 -22.79 -5.89
N ALA A 282 21.78 -23.50 -5.17
CA ALA A 282 21.28 -23.01 -3.89
C ALA A 282 22.40 -22.72 -2.87
N ASN A 283 23.49 -23.49 -2.91
CA ASN A 283 24.57 -23.36 -1.94
C ASN A 283 25.67 -22.39 -2.37
N HIS A 284 25.57 -21.90 -3.59
CA HIS A 284 26.60 -21.04 -4.17
C HIS A 284 26.72 -19.74 -3.36
N GLN A 285 27.95 -19.28 -3.15
CA GLN A 285 28.18 -18.10 -2.30
C GLN A 285 27.36 -16.89 -2.75
N VAL A 286 27.43 -16.58 -4.04
CA VAL A 286 26.69 -15.45 -4.59
C VAL A 286 25.18 -15.60 -4.36
N ILE A 287 24.65 -16.81 -4.57
CA ILE A 287 23.23 -17.08 -4.34
C ILE A 287 22.87 -16.90 -2.86
N GLN A 288 23.75 -17.38 -1.97
CA GLN A 288 23.54 -17.21 -0.53
C GLN A 288 23.44 -15.75 -0.18
N TRP A 289 24.20 -14.92 -0.90
CA TRP A 289 24.17 -13.48 -0.69
C TRP A 289 22.92 -12.87 -1.31
N PHE A 290 22.47 -13.44 -2.42
CA PHE A 290 21.23 -13.00 -3.04
C PHE A 290 20.06 -13.16 -2.06
N TRP A 291 19.93 -14.35 -1.47
CA TRP A 291 18.80 -14.55 -0.58
C TRP A 291 18.98 -13.76 0.70
N LYS A 292 20.22 -13.58 1.14
CA LYS A 292 20.49 -12.70 2.27
C LYS A 292 19.99 -11.28 1.98
N ALA A 293 20.23 -10.81 0.76
CA ALA A 293 19.81 -9.46 0.36
C ALA A 293 18.30 -9.33 0.36
N VAL A 294 17.63 -10.29 -0.28
CA VAL A 294 16.18 -10.28 -0.42
C VAL A 294 15.53 -10.26 0.93
N LEU A 295 16.06 -11.10 1.82
CA LEU A 295 15.54 -11.24 3.17
C LEU A 295 15.59 -9.94 3.95
N MET A 296 16.56 -9.07 3.63
CA MET A 296 16.69 -7.84 4.39
C MET A 296 16.15 -6.61 3.62
N MET A 297 15.53 -6.86 2.47
CA MET A 297 14.83 -5.79 1.77
C MET A 297 13.45 -5.57 2.37
N ASP A 298 12.96 -4.34 2.29
CA ASP A 298 11.57 -4.02 2.67
C ASP A 298 10.59 -4.76 1.77
N SER A 299 9.36 -4.95 2.25
CA SER A 299 8.30 -5.57 1.45
C SER A 299 8.16 -4.85 0.12
N GLU A 300 8.27 -3.53 0.16
CA GLU A 300 8.26 -2.71 -1.04
C GLU A 300 9.39 -3.08 -2.02
N LYS A 301 10.58 -3.31 -1.49
CA LYS A 301 11.74 -3.60 -2.34
C LYS A 301 11.68 -5.03 -2.87
N ARG A 302 11.20 -5.94 -2.03
CA ARG A 302 10.96 -7.32 -2.47
C ARG A 302 9.98 -7.36 -3.65
N ILE A 303 8.88 -6.62 -3.54
CA ILE A 303 7.89 -6.52 -4.61
C ILE A 303 8.54 -6.00 -5.89
N ARG A 304 9.28 -4.91 -5.77
CA ARG A 304 9.86 -4.27 -6.95
C ARG A 304 10.96 -5.13 -7.60
N LEU A 305 11.67 -5.93 -6.81
CA LEU A 305 12.62 -6.89 -7.38
C LEU A 305 11.88 -7.92 -8.20
N LEU A 306 10.80 -8.47 -7.64
CA LEU A 306 9.93 -9.40 -8.33
C LEU A 306 9.39 -8.77 -9.62
N GLN A 307 9.04 -7.50 -9.54
CA GLN A 307 8.53 -6.74 -10.67
C GLN A 307 9.58 -6.67 -11.80
N PHE A 308 10.82 -6.39 -11.38
CA PHE A 308 11.95 -6.26 -12.30
C PHE A 308 12.22 -7.54 -13.07
N VAL A 309 12.19 -8.67 -12.37
CA VAL A 309 12.60 -9.94 -12.97
C VAL A 309 11.47 -10.55 -13.80
N THR A 310 10.24 -10.45 -13.30
CA THR A 310 9.10 -11.09 -13.95
C THR A 310 8.46 -10.19 -15.01
N GLY A 311 8.47 -8.89 -14.76
CA GLY A 311 7.77 -7.94 -15.60
C GLY A 311 6.51 -7.43 -14.93
N THR A 312 6.06 -8.15 -13.92
CA THR A 312 4.87 -7.78 -13.13
C THR A 312 5.12 -7.96 -11.63
N SER A 313 4.29 -7.32 -10.81
CA SER A 313 4.45 -7.37 -9.36
C SER A 313 3.60 -8.48 -8.71
N ARG A 314 2.68 -9.05 -9.48
CA ARG A 314 1.74 -10.04 -8.99
C ARG A 314 2.43 -11.35 -8.59
N VAL A 315 2.19 -11.80 -7.36
CA VAL A 315 2.68 -13.09 -6.90
C VAL A 315 1.63 -14.14 -7.20
N PRO A 316 2.03 -15.21 -7.93
CA PRO A 316 1.09 -16.25 -8.36
C PRO A 316 0.43 -17.00 -7.19
N MET A 317 -0.86 -17.26 -7.33
CA MET A 317 -1.61 -18.03 -6.34
C MET A 317 -1.00 -19.42 -6.20
N ASN A 318 -1.12 -19.99 -5.00
CA ASN A 318 -0.46 -21.25 -4.65
C ASN A 318 1.06 -21.17 -4.79
N GLY A 319 1.59 -19.95 -4.64
CA GLY A 319 3.02 -19.75 -4.53
C GLY A 319 3.80 -19.70 -5.82
N PHE A 320 5.11 -19.67 -5.68
CA PHE A 320 6.03 -19.49 -6.80
C PHE A 320 6.27 -20.77 -7.58
N ALA A 321 5.76 -21.89 -7.07
CA ALA A 321 5.80 -23.16 -7.79
C ALA A 321 5.00 -23.09 -9.09
N GLU A 322 4.10 -22.12 -9.19
CA GLU A 322 3.21 -22.02 -10.34
C GLU A 322 3.40 -20.73 -11.13
N LEU A 323 4.58 -20.12 -10.99
CA LEU A 323 4.91 -18.91 -11.72
C LEU A 323 4.98 -19.15 -13.23
N TYR A 324 4.37 -18.27 -14.02
CA TYR A 324 4.47 -18.38 -15.48
C TYR A 324 5.43 -17.39 -16.12
N GLY A 325 6.13 -17.84 -17.16
CA GLY A 325 6.94 -16.96 -17.98
C GLY A 325 6.13 -16.49 -19.18
N SER A 326 6.78 -16.43 -20.33
CA SER A 326 6.15 -15.93 -21.54
C SER A 326 5.59 -17.08 -22.41
N ASN A 327 6.17 -18.27 -22.26
CA ASN A 327 5.80 -19.43 -23.09
C ASN A 327 5.30 -20.63 -22.28
N GLY A 328 4.79 -20.38 -21.08
CA GLY A 328 4.32 -21.45 -20.22
C GLY A 328 4.95 -21.39 -18.83
N PRO A 329 4.81 -22.47 -18.04
CA PRO A 329 5.40 -22.56 -16.71
C PRO A 329 6.90 -22.26 -16.70
N GLN A 330 7.30 -21.27 -15.91
CA GLN A 330 8.70 -20.90 -15.81
C GLN A 330 9.03 -20.41 -14.41
N SER A 331 9.76 -21.23 -13.66
CA SER A 331 10.12 -20.88 -12.30
C SER A 331 10.99 -19.63 -12.33
N PHE A 332 10.95 -18.87 -11.23
CA PHE A 332 11.91 -17.79 -11.03
C PHE A 332 13.32 -18.37 -11.18
N THR A 333 14.15 -17.68 -11.96
CA THR A 333 15.48 -18.22 -12.32
C THR A 333 16.63 -17.22 -12.04
N VAL A 334 17.74 -17.74 -11.53
CA VAL A 334 18.98 -16.93 -11.41
C VAL A 334 20.12 -17.57 -12.20
N GLU A 335 20.59 -16.87 -13.23
CA GLU A 335 21.69 -17.34 -14.09
C GLU A 335 22.95 -16.50 -13.89
N GLN A 336 24.10 -17.16 -13.87
CA GLN A 336 25.38 -16.46 -13.81
C GLN A 336 25.67 -15.80 -15.14
N TRP A 337 25.76 -14.47 -15.14
CA TRP A 337 26.01 -13.71 -16.37
C TRP A 337 26.86 -12.46 -16.10
N GLY A 338 27.79 -12.19 -17.01
CA GLY A 338 28.56 -10.95 -16.97
C GLY A 338 29.70 -10.94 -15.96
N THR A 339 30.42 -9.82 -15.91
CA THR A 339 31.48 -9.62 -14.94
C THR A 339 30.95 -8.76 -13.78
N PRO A 340 31.69 -8.71 -12.64
CA PRO A 340 31.22 -7.90 -11.51
C PRO A 340 31.05 -6.40 -11.81
N GLU A 341 31.55 -5.92 -12.95
CA GLU A 341 31.47 -4.49 -13.27
C GLU A 341 30.06 -3.98 -13.59
N LYS A 342 29.25 -4.80 -14.25
CA LYS A 342 27.92 -4.33 -14.63
C LYS A 342 26.81 -4.75 -13.66
N LEU A 343 25.67 -4.08 -13.80
CA LEU A 343 24.50 -4.33 -12.98
C LEU A 343 23.75 -5.58 -13.47
N PRO A 344 22.95 -6.21 -12.59
CA PRO A 344 22.10 -7.35 -12.96
C PRO A 344 21.08 -6.99 -14.04
N ARG A 345 20.86 -7.87 -15.02
CA ARG A 345 19.84 -7.63 -16.03
C ARG A 345 18.72 -8.65 -15.92
N ALA A 346 17.55 -8.29 -16.42
CA ALA A 346 16.38 -9.15 -16.30
C ALA A 346 15.85 -9.58 -17.66
N HIS A 347 15.55 -10.87 -17.79
CA HIS A 347 14.84 -11.38 -18.95
C HIS A 347 13.43 -11.75 -18.51
N THR A 348 12.52 -10.78 -18.61
CA THR A 348 11.17 -10.90 -18.10
C THR A 348 10.39 -12.06 -18.74
N CYS A 349 10.62 -12.29 -20.03
CA CYS A 349 9.97 -13.39 -20.73
C CYS A 349 10.24 -14.76 -20.09
N PHE A 350 11.35 -14.84 -19.36
CA PHE A 350 11.76 -16.10 -18.75
C PHE A 350 11.84 -16.00 -17.24
N ASN A 351 11.36 -14.87 -16.71
CA ASN A 351 11.42 -14.60 -15.27
C ASN A 351 12.83 -14.87 -14.75
N ARG A 352 13.83 -14.47 -15.54
CA ARG A 352 15.22 -14.80 -15.24
C ARG A 352 16.06 -13.60 -14.83
N LEU A 353 16.75 -13.73 -13.69
CA LEU A 353 17.71 -12.73 -13.26
C LEU A 353 19.12 -13.14 -13.67
N ASP A 354 19.75 -12.33 -14.51
CA ASP A 354 21.15 -12.52 -14.85
C ASP A 354 22.00 -11.80 -13.83
N LEU A 355 22.67 -12.58 -12.99
CA LEU A 355 23.37 -12.05 -11.83
C LEU A 355 24.87 -12.32 -11.92
N PRO A 356 25.67 -11.25 -12.05
CA PRO A 356 27.14 -11.39 -12.04
C PRO A 356 27.64 -11.99 -10.73
N PRO A 357 28.77 -12.70 -10.75
CA PRO A 357 29.32 -13.32 -9.55
C PRO A 357 30.08 -12.32 -8.69
N TYR A 358 29.34 -11.50 -7.94
CA TYR A 358 29.96 -10.48 -7.10
C TYR A 358 30.82 -11.08 -6.00
N GLU A 359 31.85 -10.34 -5.59
CA GLU A 359 32.84 -10.80 -4.63
C GLU A 359 32.63 -10.27 -3.22
N SER A 360 31.43 -9.78 -2.94
CA SER A 360 31.06 -9.32 -1.60
C SER A 360 29.56 -9.12 -1.49
N PHE A 361 29.03 -9.38 -0.31
CA PHE A 361 27.60 -9.19 -0.07
C PHE A 361 27.20 -7.76 -0.37
N GLU A 362 27.95 -6.83 0.19
CA GLU A 362 27.65 -5.40 0.09
C GLU A 362 27.69 -4.92 -1.37
N GLU A 363 28.62 -5.43 -2.16
CA GLU A 363 28.61 -5.17 -3.60
C GLU A 363 27.35 -5.73 -4.26
N LEU A 364 26.96 -6.93 -3.89
CA LEU A 364 25.75 -7.51 -4.45
C LEU A 364 24.57 -6.61 -4.07
N TRP A 365 24.51 -6.23 -2.79
CA TRP A 365 23.44 -5.37 -2.29
C TRP A 365 23.34 -4.09 -3.10
N ASP A 366 24.48 -3.40 -3.28
CA ASP A 366 24.55 -2.18 -4.06
C ASP A 366 24.14 -2.36 -5.53
N LYS A 367 24.63 -3.41 -6.17
CA LYS A 367 24.40 -3.61 -7.60
C LYS A 367 22.94 -3.98 -7.90
N LEU A 368 22.40 -4.87 -7.08
CA LEU A 368 21.02 -5.32 -7.22
C LEU A 368 20.03 -4.18 -6.96
N GLN A 369 20.28 -3.40 -5.92
CA GLN A 369 19.41 -2.27 -5.56
C GLN A 369 19.40 -1.20 -6.65
N MET A 370 20.57 -0.98 -7.27
CA MET A 370 20.68 0.01 -8.34
C MET A 370 19.82 -0.40 -9.53
N ALA A 371 19.90 -1.69 -9.86
CA ALA A 371 19.15 -2.23 -10.99
C ALA A 371 17.64 -2.05 -10.81
N ILE A 372 17.16 -2.31 -9.59
CA ILE A 372 15.73 -2.26 -9.29
C ILE A 372 15.12 -0.86 -9.38
N GLU A 373 15.82 0.14 -8.85
CA GLU A 373 15.25 1.48 -8.73
C GLU A 373 15.18 2.20 -10.08
N ASN A 374 15.55 1.52 -11.16
CA ASN A 374 15.32 2.05 -12.50
C ASN A 374 13.94 1.64 -13.00
N THR A 375 13.40 0.56 -12.43
CA THR A 375 12.08 0.05 -12.81
C THR A 375 10.99 0.62 -11.93
#